data_8GDK
#
_entry.id   8GDK
#
_cell.length_a   61.418
_cell.length_b   65.997
_cell.length_c   90.826
_cell.angle_alpha   90.00
_cell.angle_beta   90.00
_cell.angle_gamma   90.00
#
_symmetry.space_group_name_H-M   'P 21 21 21'
#
loop_
_entity.id
_entity.type
_entity.pdbx_description
1 polymer 'HIV-1 LM/HT Clade A/E CRF01 gp120 core'
2 non-polymer 2-acetamido-2-deoxy-beta-D-glucopyranose
3 non-polymer (3S,5R)-N-(4-chloro-3-fluorophenyl)-5-(hydroxymethyl)-1-[(3R,5S)-3,4,5-trimethylpiperazine-1-carbonyl]piperidine-3-carboxamide
4 non-polymer '4-(2-HYDROXYETHYL)-1-PIPERAZINE ETHANESULFONIC ACID'
5 non-polymer 'CHLORIDE ION'
6 water water
#
_entity_poly.entity_id   1
_entity_poly.type   'polypeptide(L)'
_entity_poly.pdbx_seq_one_letter_code
;VPVWKDADTTLFCASDAKAYETEVHNVWATHACVPTDPNPQEIHLENVTENFNMWKNNMVEQMHEDIISLWDQSLQPCVK
LTGGSVIKQACPKISFDPIPIHYCTPAGYVILKCNDKNFNGTGPCKNVSSVQCTHGIKPVVSTQLLLNGSLAEEEIIIRS
ENLTNNAKTIIVHLNKSVEINCTRPSNGGSGSGGDIRKAYCEINGTKWNKVLKQVTEKLKEHFNNKTIIFQPPSGGDLEI
TMHTFNCRGEFFYCNTTQLFNNTCIGNETMKGCNGTITLPCKIKQIINMWQGTGQAMYAPPIDGKINCVSNITGILLTRD
GGANNTSNETFRPGGGDMRDNWRSELYKYKVVQIE
;
_entity_poly.pdbx_strand_id   A
#
# COMPACT_ATOMS: atom_id res chain seq x y z
N PRO A 2 -11.77 -13.34 -29.91
CA PRO A 2 -10.74 -13.84 -28.99
C PRO A 2 -9.32 -13.48 -29.40
N VAL A 3 -8.35 -14.27 -28.93
CA VAL A 3 -6.93 -14.12 -29.26
C VAL A 3 -6.34 -12.84 -28.70
N TRP A 4 -5.16 -12.95 -28.10
CA TRP A 4 -4.47 -11.83 -27.50
C TRP A 4 -3.04 -12.26 -27.16
N LYS A 5 -2.20 -11.28 -26.88
CA LYS A 5 -0.83 -11.55 -26.45
C LYS A 5 -0.40 -10.51 -25.42
N ASP A 6 0.44 -10.93 -24.50
CA ASP A 6 0.93 -10.04 -23.45
C ASP A 6 1.68 -8.86 -24.05
N ALA A 7 1.30 -7.66 -23.62
CA ALA A 7 1.93 -6.43 -24.05
C ALA A 7 1.47 -5.31 -23.13
N ASP A 8 2.11 -4.15 -23.26
CA ASP A 8 1.75 -2.97 -22.49
C ASP A 8 1.57 -1.78 -23.42
N THR A 9 0.82 -0.80 -22.94
CA THR A 9 0.62 0.45 -23.65
C THR A 9 0.34 1.53 -22.62
N THR A 10 0.34 2.78 -23.09
CA THR A 10 0.04 3.90 -22.20
C THR A 10 -1.42 3.84 -21.78
N LEU A 11 -1.64 3.76 -20.48
CA LEU A 11 -2.96 3.63 -19.88
C LEU A 11 -3.54 5.03 -19.62
N PHE A 12 -4.84 5.08 -19.31
CA PHE A 12 -5.45 6.32 -18.84
C PHE A 12 -6.31 6.02 -17.62
N CYS A 13 -6.66 7.07 -16.89
CA CYS A 13 -7.27 6.93 -15.57
C CYS A 13 -8.68 7.52 -15.54
N ALA A 14 -9.46 7.07 -14.55
CA ALA A 14 -10.82 7.53 -14.34
C ALA A 14 -11.10 7.63 -12.84
N SER A 15 -11.93 8.60 -12.45
CA SER A 15 -12.22 8.81 -11.04
C SER A 15 -13.54 9.56 -10.89
N ASP A 16 -14.10 9.50 -9.69
CA ASP A 16 -15.27 10.28 -9.30
C ASP A 16 -14.90 11.64 -8.76
N ALA A 17 -13.89 12.29 -9.34
CA ALA A 17 -13.41 13.57 -8.85
C ALA A 17 -14.49 14.64 -8.91
N LYS A 18 -15.08 14.96 -7.77
CA LYS A 18 -16.07 16.03 -7.71
C LYS A 18 -15.38 17.36 -7.98
N ALA A 19 -15.91 18.09 -8.97
CA ALA A 19 -15.34 19.40 -9.31
C ALA A 19 -15.58 20.38 -8.18
N TYR A 20 -14.77 21.46 -8.18
CA TYR A 20 -14.76 22.51 -7.18
C TYR A 20 -14.11 22.05 -5.87
N GLU A 21 -14.24 20.76 -5.53
CA GLU A 21 -13.60 20.23 -4.33
C GLU A 21 -12.11 20.49 -4.37
N THR A 22 -11.60 21.15 -3.34
CA THR A 22 -10.19 21.53 -3.29
C THR A 22 -9.29 20.41 -2.80
N GLU A 23 -9.83 19.24 -2.50
CA GLU A 23 -9.00 18.10 -2.11
C GLU A 23 -8.05 17.76 -3.25
N VAL A 24 -6.76 17.59 -2.91
CA VAL A 24 -5.72 17.56 -3.93
C VAL A 24 -5.78 16.30 -4.81
N HIS A 25 -6.35 15.20 -4.31
CA HIS A 25 -6.58 14.06 -5.20
C HIS A 25 -7.72 14.34 -6.15
N ASN A 26 -8.73 15.11 -5.70
CA ASN A 26 -9.86 15.43 -6.55
C ASN A 26 -9.46 16.37 -7.68
N VAL A 27 -8.63 17.37 -7.38
CA VAL A 27 -8.22 18.31 -8.41
C VAL A 27 -7.20 17.72 -9.37
N TRP A 28 -6.41 16.74 -8.94
CA TRP A 28 -5.48 16.09 -9.85
C TRP A 28 -6.22 15.16 -10.81
N ALA A 29 -7.20 14.42 -10.31
CA ALA A 29 -8.00 13.56 -11.17
C ALA A 29 -9.03 14.33 -11.99
N THR A 30 -9.34 15.56 -11.58
CA THR A 30 -10.23 16.41 -12.38
C THR A 30 -9.57 16.77 -13.71
N HIS A 31 -8.27 17.06 -13.69
CA HIS A 31 -7.57 17.52 -14.88
C HIS A 31 -6.75 16.42 -15.57
N ALA A 32 -6.59 15.26 -14.93
CA ALA A 32 -5.75 14.20 -15.50
C ALA A 32 -6.49 12.89 -15.72
N CYS A 33 -7.71 12.74 -15.21
CA CYS A 33 -8.50 11.54 -15.39
C CYS A 33 -9.85 11.88 -16.02
N VAL A 34 -10.49 10.88 -16.60
CA VAL A 34 -11.80 11.03 -17.20
C VAL A 34 -12.86 10.62 -16.17
N PRO A 35 -14.12 10.98 -16.34
CA PRO A 35 -15.16 10.40 -15.47
C PRO A 35 -15.23 8.89 -15.68
N THR A 36 -15.45 8.18 -14.58
CA THR A 36 -15.50 6.72 -14.65
C THR A 36 -16.60 6.25 -15.59
N ASP A 37 -16.39 5.07 -16.16
CA ASP A 37 -17.38 4.43 -17.02
C ASP A 37 -18.71 4.31 -16.26
N PRO A 38 -19.78 4.95 -16.74
CA PRO A 38 -21.09 4.79 -16.09
C PRO A 38 -21.71 3.42 -16.29
N ASN A 39 -21.11 2.56 -17.12
CA ASN A 39 -21.70 1.26 -17.44
C ASN A 39 -20.59 0.29 -17.81
N PRO A 40 -19.87 -0.25 -16.83
CA PRO A 40 -18.89 -1.29 -17.09
C PRO A 40 -19.57 -2.66 -17.23
N GLN A 41 -18.78 -3.65 -17.63
CA GLN A 41 -19.28 -5.00 -17.87
C GLN A 41 -18.10 -5.90 -18.24
N GLU A 42 -17.79 -6.90 -17.41
CA GLU A 42 -16.69 -7.82 -17.69
C GLU A 42 -17.26 -9.06 -18.36
N ILE A 43 -16.83 -9.31 -19.59
CA ILE A 43 -17.31 -10.44 -20.37
C ILE A 43 -16.55 -11.68 -19.87
N HIS A 44 -17.25 -12.53 -19.12
CA HIS A 44 -16.63 -13.71 -18.53
C HIS A 44 -16.12 -14.65 -19.61
N LEU A 45 -14.89 -15.11 -19.45
CA LEU A 45 -14.25 -16.03 -20.39
C LEU A 45 -14.31 -17.43 -19.83
N GLU A 46 -14.92 -18.35 -20.57
CA GLU A 46 -15.20 -19.69 -20.08
C GLU A 46 -14.03 -20.64 -20.33
N ASN A 47 -13.67 -21.39 -19.29
CA ASN A 47 -12.60 -22.40 -19.35
C ASN A 47 -11.33 -21.84 -19.99
N VAL A 48 -10.90 -20.70 -19.46
CA VAL A 48 -9.65 -20.09 -19.88
C VAL A 48 -8.67 -20.16 -18.72
N THR A 49 -7.38 -20.06 -19.04
CA THR A 49 -6.34 -20.11 -18.03
C THR A 49 -5.21 -19.17 -18.45
N GLU A 50 -5.06 -18.07 -17.73
CA GLU A 50 -4.02 -17.08 -18.00
C GLU A 50 -3.00 -17.07 -16.87
N ASN A 51 -1.81 -16.57 -17.18
CA ASN A 51 -0.70 -16.50 -16.25
C ASN A 51 -0.40 -15.05 -15.90
N PHE A 52 -0.50 -14.70 -14.63
CA PHE A 52 -0.28 -13.34 -14.14
C PHE A 52 1.06 -13.25 -13.43
N ASN A 53 1.51 -12.01 -13.19
CA ASN A 53 2.71 -11.77 -12.40
C ASN A 53 2.65 -10.34 -11.89
N MET A 54 2.32 -10.18 -10.61
CA MET A 54 2.24 -8.85 -10.01
C MET A 54 3.61 -8.20 -9.89
N TRP A 55 4.66 -9.01 -9.69
CA TRP A 55 6.00 -8.47 -9.47
C TRP A 55 6.69 -8.05 -10.78
N LYS A 56 6.17 -8.49 -11.92
CA LYS A 56 6.68 -8.06 -13.22
C LYS A 56 5.47 -7.56 -14.03
N ASN A 57 4.91 -6.43 -13.61
CA ASN A 57 3.71 -5.88 -14.21
C ASN A 57 3.92 -4.39 -14.45
N ASN A 58 3.70 -3.95 -15.69
CA ASN A 58 3.93 -2.57 -16.05
C ASN A 58 2.82 -1.64 -15.55
N MET A 59 1.64 -2.18 -15.23
CA MET A 59 0.57 -1.34 -14.70
C MET A 59 1.00 -0.64 -13.42
N VAL A 60 1.69 -1.35 -12.53
CA VAL A 60 2.12 -0.74 -11.28
C VAL A 60 3.17 0.33 -11.54
N GLU A 61 3.95 0.19 -12.61
CA GLU A 61 4.93 1.22 -12.95
C GLU A 61 4.24 2.48 -13.42
N GLN A 62 3.16 2.33 -14.19
CA GLN A 62 2.45 3.51 -14.69
C GLN A 62 1.64 4.17 -13.58
N MET A 63 1.08 3.37 -12.67
CA MET A 63 0.42 3.94 -11.49
C MET A 63 1.42 4.68 -10.61
N HIS A 64 2.63 4.12 -10.47
CA HIS A 64 3.66 4.76 -9.66
C HIS A 64 3.94 6.17 -10.14
N GLU A 65 4.21 6.32 -11.44
CA GLU A 65 4.50 7.65 -11.98
C GLU A 65 3.31 8.59 -11.85
N ASP A 66 2.10 8.05 -11.81
CA ASP A 66 0.93 8.89 -11.57
C ASP A 66 0.94 9.48 -10.17
N ILE A 67 1.24 8.65 -9.17
CA ILE A 67 1.24 9.12 -7.79
C ILE A 67 2.45 10.00 -7.53
N ILE A 68 3.59 9.71 -8.17
CA ILE A 68 4.73 10.63 -8.12
C ILE A 68 4.31 11.99 -8.64
N SER A 69 3.62 12.01 -9.79
CA SER A 69 3.17 13.29 -10.36
C SER A 69 2.11 13.94 -9.47
N LEU A 70 1.15 13.16 -8.99
CA LEU A 70 0.10 13.72 -8.12
C LEU A 70 0.71 14.39 -6.90
N TRP A 71 1.52 13.64 -6.15
CA TRP A 71 2.20 14.21 -5.00
C TRP A 71 3.11 15.37 -5.40
N ASP A 72 3.65 15.34 -6.63
CA ASP A 72 4.55 16.40 -7.07
C ASP A 72 3.83 17.70 -7.37
N GLN A 73 2.52 17.65 -7.64
CA GLN A 73 1.75 18.87 -7.86
C GLN A 73 0.95 19.30 -6.64
N SER A 74 0.72 18.41 -5.68
CA SER A 74 -0.15 18.71 -4.56
C SER A 74 0.64 19.20 -3.35
N LEU A 75 1.04 18.30 -2.46
CA LEU A 75 1.80 18.69 -1.28
C LEU A 75 3.20 19.13 -1.70
N GLN A 76 3.40 20.42 -1.81
CA GLN A 76 4.73 20.86 -2.17
C GLN A 76 5.50 21.22 -0.90
N PRO A 77 6.73 20.73 -0.73
CA PRO A 77 7.49 21.08 0.47
C PRO A 77 8.04 22.50 0.40
N CYS A 78 8.19 23.10 1.58
CA CYS A 78 8.76 24.43 1.67
C CYS A 78 10.16 24.46 1.06
N VAL A 79 10.96 23.44 1.35
CA VAL A 79 12.32 23.33 0.84
C VAL A 79 12.57 21.88 0.45
N LYS A 80 13.07 21.66 -0.76
CA LYS A 80 13.37 20.33 -1.25
C LYS A 80 14.89 20.18 -1.37
N LEU A 81 15.45 19.22 -0.62
CA LEU A 81 16.87 18.91 -0.67
C LEU A 81 17.04 17.73 -1.62
N THR A 82 17.15 18.05 -2.92
CA THR A 82 17.23 17.05 -3.96
C THR A 82 18.55 17.18 -4.72
N GLY A 83 19.22 16.05 -4.92
CA GLY A 83 20.50 16.01 -5.62
C GLY A 83 21.55 16.97 -5.09
N GLY A 84 21.42 17.40 -3.84
CA GLY A 84 22.29 18.40 -3.29
C GLY A 84 21.87 19.83 -3.53
N SER A 85 20.66 20.06 -4.01
CA SER A 85 20.14 21.39 -4.26
C SER A 85 19.24 21.83 -3.11
N VAL A 86 18.79 23.08 -3.17
CA VAL A 86 17.95 23.64 -2.11
C VAL A 86 16.72 24.39 -2.65
N ILE A 87 16.09 23.82 -3.68
CA ILE A 87 14.93 24.45 -4.32
C ILE A 87 13.85 24.76 -3.29
N LYS A 88 13.66 26.04 -3.01
CA LYS A 88 12.68 26.53 -2.04
C LYS A 88 11.34 26.74 -2.73
N GLN A 89 10.31 26.91 -1.91
CA GLN A 89 8.93 26.95 -2.38
C GLN A 89 8.05 27.53 -1.28
N ALA A 90 6.76 27.66 -1.58
CA ALA A 90 5.75 27.81 -0.56
C ALA A 90 5.15 26.45 -0.27
N CYS A 91 4.60 26.31 0.94
CA CYS A 91 4.01 25.05 1.39
C CYS A 91 2.68 25.35 2.05
N PRO A 92 1.68 25.76 1.26
CA PRO A 92 0.35 26.01 1.85
C PRO A 92 -0.25 24.71 2.35
N LYS A 93 -0.78 24.74 3.56
CA LYS A 93 -1.44 23.57 4.12
C LYS A 93 -2.67 23.24 3.31
N ILE A 94 -2.64 22.09 2.64
CA ILE A 94 -3.66 21.70 1.69
C ILE A 94 -4.55 20.62 2.29
N SER A 95 -5.62 20.28 1.57
CA SER A 95 -6.53 19.23 1.97
C SER A 95 -6.11 17.92 1.33
N PHE A 96 -6.02 16.86 2.13
CA PHE A 96 -5.50 15.59 1.69
C PHE A 96 -6.42 14.45 2.13
N ASP A 97 -6.82 13.61 1.17
CA ASP A 97 -7.68 12.44 1.40
C ASP A 97 -7.76 11.62 0.13
N PRO A 98 -7.06 10.48 0.06
CA PRO A 98 -6.98 9.73 -1.20
C PRO A 98 -8.34 9.28 -1.71
N ILE A 99 -8.49 9.36 -3.02
CA ILE A 99 -9.72 9.02 -3.73
C ILE A 99 -9.47 7.76 -4.55
N PRO A 100 -10.46 6.89 -4.75
CA PRO A 100 -10.24 5.73 -5.65
C PRO A 100 -9.98 6.18 -7.08
N ILE A 101 -9.01 5.51 -7.70
CA ILE A 101 -8.60 5.79 -9.09
C ILE A 101 -8.73 4.50 -9.89
N HIS A 102 -9.15 4.63 -11.14
CA HIS A 102 -9.26 3.50 -12.06
C HIS A 102 -8.22 3.63 -13.16
N TYR A 103 -7.88 2.51 -13.78
CA TYR A 103 -6.93 2.45 -14.89
C TYR A 103 -7.56 1.67 -16.03
N CYS A 104 -7.66 2.31 -17.20
CA CYS A 104 -8.51 1.83 -18.28
C CYS A 104 -7.70 1.74 -19.58
N THR A 105 -7.82 0.60 -20.26
CA THR A 105 -7.09 0.41 -21.50
C THR A 105 -7.60 1.34 -22.60
N PRO A 106 -6.72 1.77 -23.51
CA PRO A 106 -7.18 2.39 -24.75
C PRO A 106 -7.74 1.33 -25.69
N ALA A 107 -8.45 1.80 -26.72
CA ALA A 107 -9.01 0.89 -27.70
C ALA A 107 -7.91 0.12 -28.40
N GLY A 108 -8.08 -1.20 -28.50
CA GLY A 108 -7.08 -2.10 -29.03
C GLY A 108 -6.43 -2.98 -27.99
N TYR A 109 -6.55 -2.64 -26.71
CA TYR A 109 -6.04 -3.42 -25.61
C TYR A 109 -7.17 -3.69 -24.63
N VAL A 110 -6.91 -4.56 -23.65
CA VAL A 110 -7.89 -4.89 -22.63
C VAL A 110 -7.17 -5.45 -21.41
N ILE A 111 -7.81 -5.35 -20.25
CA ILE A 111 -7.27 -5.87 -18.99
C ILE A 111 -7.95 -7.19 -18.67
N LEU A 112 -7.18 -8.15 -18.18
CA LEU A 112 -7.70 -9.42 -17.68
C LEU A 112 -7.64 -9.41 -16.16
N LYS A 113 -8.75 -9.76 -15.53
CA LYS A 113 -8.88 -9.78 -14.08
C LYS A 113 -9.04 -11.21 -13.60
N CYS A 114 -8.21 -11.62 -12.63
CA CYS A 114 -8.24 -12.97 -12.10
C CYS A 114 -9.24 -13.04 -10.95
N ASN A 115 -10.26 -13.88 -11.09
CA ASN A 115 -11.31 -14.02 -10.10
C ASN A 115 -11.07 -15.20 -9.15
N ASP A 116 -9.92 -15.86 -9.25
CA ASP A 116 -9.59 -16.92 -8.31
C ASP A 116 -9.38 -16.34 -6.92
N LYS A 117 -10.24 -16.73 -5.98
CA LYS A 117 -10.25 -16.11 -4.66
C LYS A 117 -8.96 -16.36 -3.88
N ASN A 118 -8.18 -17.38 -4.25
CA ASN A 118 -6.93 -17.70 -3.56
C ASN A 118 -5.70 -17.35 -4.37
N PHE A 119 -5.86 -16.58 -5.45
CA PHE A 119 -4.72 -16.24 -6.30
C PHE A 119 -3.70 -15.41 -5.52
N ASN A 120 -2.43 -15.82 -5.60
CA ASN A 120 -1.37 -15.20 -4.83
C ASN A 120 -0.58 -14.16 -5.62
N GLY A 121 -1.04 -13.82 -6.83
CA GLY A 121 -0.37 -12.84 -7.65
C GLY A 121 0.66 -13.40 -8.61
N THR A 122 0.90 -14.71 -8.60
CA THR A 122 1.95 -15.29 -9.42
C THR A 122 1.44 -16.56 -10.09
N GLY A 123 1.62 -16.64 -11.41
CA GLY A 123 1.40 -17.86 -12.14
C GLY A 123 -0.01 -18.03 -12.66
N PRO A 124 -0.48 -19.28 -12.67
CA PRO A 124 -1.74 -19.60 -13.35
C PRO A 124 -2.96 -19.12 -12.56
N CYS A 125 -4.02 -18.82 -13.31
CA CYS A 125 -5.31 -18.45 -12.76
C CYS A 125 -6.39 -19.01 -13.67
N LYS A 126 -7.39 -19.66 -13.07
CA LYS A 126 -8.43 -20.32 -13.84
C LYS A 126 -9.60 -19.39 -14.13
N ASN A 127 -10.15 -18.73 -13.10
CA ASN A 127 -11.29 -17.85 -13.29
C ASN A 127 -10.79 -16.50 -13.80
N VAL A 128 -10.66 -16.41 -15.12
CA VAL A 128 -10.19 -15.20 -15.78
C VAL A 128 -11.39 -14.47 -16.38
N SER A 129 -11.31 -13.14 -16.41
CA SER A 129 -12.34 -12.32 -17.04
C SER A 129 -11.67 -11.07 -17.58
N SER A 130 -12.32 -10.47 -18.59
CA SER A 130 -11.78 -9.32 -19.30
C SER A 130 -12.51 -8.06 -18.88
N VAL A 131 -11.75 -7.00 -18.57
CA VAL A 131 -12.29 -5.72 -18.18
C VAL A 131 -11.61 -4.62 -19.00
N GLN A 132 -12.34 -3.51 -19.16
CA GLN A 132 -11.79 -2.32 -19.80
C GLN A 132 -11.09 -1.41 -18.79
N CYS A 133 -11.53 -1.41 -17.54
CA CYS A 133 -10.95 -0.61 -16.48
C CYS A 133 -10.61 -1.51 -15.30
N THR A 134 -9.72 -1.02 -14.44
CA THR A 134 -9.53 -1.66 -13.14
C THR A 134 -10.71 -1.30 -12.24
N HIS A 135 -10.45 -1.14 -10.95
CA HIS A 135 -11.49 -0.71 -10.02
C HIS A 135 -11.00 0.52 -9.27
N GLY A 136 -11.82 0.98 -8.33
CA GLY A 136 -11.43 2.12 -7.52
C GLY A 136 -10.34 1.79 -6.52
N ILE A 137 -9.13 2.26 -6.80
CA ILE A 137 -7.95 1.94 -5.99
C ILE A 137 -7.47 3.23 -5.35
N LYS A 138 -7.53 3.28 -4.02
CA LYS A 138 -7.01 4.42 -3.28
C LYS A 138 -5.49 4.36 -3.25
N PRO A 139 -4.79 5.38 -3.74
CA PRO A 139 -3.31 5.39 -3.70
C PRO A 139 -2.76 5.84 -2.35
N VAL A 140 -2.84 4.95 -1.38
CA VAL A 140 -2.43 5.24 -0.01
C VAL A 140 -0.93 4.99 0.11
N VAL A 141 -0.17 6.04 0.38
CA VAL A 141 1.27 5.95 0.57
C VAL A 141 1.54 5.64 2.02
N SER A 142 2.25 4.53 2.27
CA SER A 142 2.52 4.09 3.63
C SER A 142 3.61 3.03 3.60
N THR A 143 4.19 2.79 4.76
CA THR A 143 5.16 1.71 4.97
C THR A 143 4.67 0.83 6.11
N GLN A 144 5.26 -0.37 6.19
CA GLN A 144 4.98 -1.35 7.24
C GLN A 144 3.56 -1.90 7.16
N LEU A 145 2.56 -1.02 7.04
CA LEU A 145 1.17 -1.43 7.03
C LEU A 145 0.46 -0.84 5.81
N LEU A 146 -0.33 -1.68 5.16
CA LEU A 146 -1.14 -1.27 4.01
C LEU A 146 -2.53 -0.88 4.50
N LEU A 147 -2.92 0.36 4.27
CA LEU A 147 -4.14 0.90 4.81
C LEU A 147 -5.15 1.24 3.72
N ASN A 148 -6.43 1.09 4.06
CA ASN A 148 -7.54 1.56 3.22
C ASN A 148 -7.57 0.84 1.87
N GLY A 149 -7.22 -0.45 1.88
CA GLY A 149 -7.26 -1.27 0.70
C GLY A 149 -8.36 -2.32 0.77
N SER A 150 -8.29 -3.26 -0.17
CA SER A 150 -9.20 -4.40 -0.16
C SER A 150 -8.64 -5.54 0.67
N LEU A 151 -9.48 -6.53 0.93
CA LEU A 151 -9.11 -7.67 1.74
C LEU A 151 -9.21 -8.95 0.91
N ALA A 152 -8.43 -9.96 1.31
CA ALA A 152 -8.51 -11.27 0.68
C ALA A 152 -9.90 -11.85 0.86
N GLU A 153 -10.42 -12.47 -0.20
CA GLU A 153 -11.81 -12.94 -0.20
C GLU A 153 -12.03 -14.22 0.59
N GLU A 154 -10.96 -14.90 1.01
CA GLU A 154 -11.13 -16.13 1.78
C GLU A 154 -10.07 -16.28 2.85
N GLU A 155 -9.03 -17.07 2.57
CA GLU A 155 -7.95 -17.24 3.53
C GLU A 155 -6.92 -16.13 3.37
N ILE A 156 -5.96 -16.09 4.29
CA ILE A 156 -4.88 -15.11 4.20
C ILE A 156 -3.94 -15.54 3.09
N ILE A 157 -3.75 -14.67 2.09
CA ILE A 157 -2.79 -14.90 1.01
C ILE A 157 -1.49 -14.18 1.35
N ILE A 158 -0.37 -14.87 1.15
CA ILE A 158 0.94 -14.24 1.14
C ILE A 158 1.32 -14.02 -0.32
N ARG A 159 2.10 -12.98 -0.58
CA ARG A 159 2.51 -12.65 -1.94
C ARG A 159 4.01 -12.38 -1.92
N SER A 160 4.73 -13.07 -2.81
CA SER A 160 6.17 -12.85 -2.93
C SER A 160 6.61 -13.29 -4.31
N GLU A 161 7.55 -12.53 -4.89
CA GLU A 161 8.16 -12.94 -6.15
C GLU A 161 8.92 -14.24 -5.99
N ASN A 162 9.44 -14.51 -4.79
CA ASN A 162 10.24 -15.70 -4.53
C ASN A 162 10.47 -15.82 -3.03
N LEU A 163 9.76 -16.74 -2.38
CA LEU A 163 9.80 -16.83 -0.92
C LEU A 163 11.17 -17.26 -0.41
N THR A 164 11.84 -18.15 -1.15
CA THR A 164 13.17 -18.59 -0.72
C THR A 164 14.18 -17.45 -0.77
N ASN A 165 14.00 -16.52 -1.71
CA ASN A 165 14.82 -15.31 -1.74
C ASN A 165 14.38 -14.37 -0.62
N ASN A 166 15.23 -14.20 0.38
CA ASN A 166 14.87 -13.36 1.52
C ASN A 166 14.89 -11.87 1.19
N ALA A 167 15.47 -11.48 0.06
CA ALA A 167 15.51 -10.07 -0.32
C ALA A 167 14.24 -9.61 -1.02
N LYS A 168 13.41 -10.55 -1.49
CA LYS A 168 12.17 -10.19 -2.16
C LYS A 168 11.09 -9.92 -1.12
N THR A 169 10.36 -8.82 -1.30
CA THR A 169 9.40 -8.37 -0.31
C THR A 169 8.22 -9.34 -0.21
N ILE A 170 7.73 -9.55 1.01
CA ILE A 170 6.57 -10.38 1.29
C ILE A 170 5.39 -9.46 1.56
N ILE A 171 4.31 -9.65 0.80
CA ILE A 171 3.07 -8.90 0.99
C ILE A 171 2.03 -9.85 1.56
N VAL A 172 1.48 -9.51 2.72
CA VAL A 172 0.46 -10.31 3.38
C VAL A 172 -0.89 -9.65 3.15
N HIS A 173 -1.83 -10.40 2.57
CA HIS A 173 -3.16 -9.91 2.27
C HIS A 173 -4.12 -10.45 3.31
N LEU A 174 -4.52 -9.59 4.25
CA LEU A 174 -5.46 -10.00 5.28
C LEU A 174 -6.85 -10.20 4.71
N ASN A 175 -7.56 -11.19 5.25
CA ASN A 175 -8.96 -11.41 4.91
C ASN A 175 -9.89 -10.67 5.87
N LYS A 176 -9.35 -9.80 6.73
CA LYS A 176 -10.14 -9.08 7.71
C LYS A 176 -9.33 -7.89 8.19
N SER A 177 -9.94 -6.71 8.18
CA SER A 177 -9.22 -5.49 8.50
C SER A 177 -9.16 -5.27 10.01
N VAL A 178 -8.14 -4.52 10.43
CA VAL A 178 -7.99 -4.08 11.81
C VAL A 178 -7.96 -2.56 11.81
N GLU A 179 -8.84 -1.95 12.60
CA GLU A 179 -8.94 -0.50 12.63
C GLU A 179 -7.74 0.12 13.33
N ILE A 180 -7.12 1.10 12.65
CA ILE A 180 -6.05 1.94 13.20
C ILE A 180 -6.61 3.34 13.37
N ASN A 181 -6.54 3.86 14.60
CA ASN A 181 -7.14 5.16 14.93
C ASN A 181 -6.05 6.07 15.46
N CYS A 182 -5.66 7.05 14.64
CA CYS A 182 -4.54 7.93 14.93
C CYS A 182 -5.03 9.36 15.13
N THR A 183 -4.51 10.02 16.17
CA THR A 183 -4.99 11.33 16.56
C THR A 183 -3.82 12.22 16.96
N ARG A 184 -4.00 13.53 16.74
CA ARG A 184 -3.06 14.55 17.20
C ARG A 184 -3.91 15.59 17.92
N PRO A 185 -4.03 15.51 19.24
CA PRO A 185 -4.87 16.46 19.98
C PRO A 185 -4.35 17.89 19.84
N SER A 186 -5.29 18.84 19.89
CA SER A 186 -4.96 20.25 19.76
C SER A 186 -4.56 20.84 21.11
N ASN A 187 -4.13 22.10 21.07
CA ASN A 187 -3.81 22.82 22.29
C ASN A 187 -5.01 23.63 22.76
N ASP A 195 3.77 19.58 23.03
CA ASP A 195 4.35 19.14 21.77
C ASP A 195 3.28 18.97 20.70
N ILE A 196 3.31 19.85 19.70
CA ILE A 196 2.33 19.78 18.62
C ILE A 196 2.60 18.61 17.68
N ARG A 197 3.82 18.09 17.69
CA ARG A 197 4.18 16.93 16.87
C ARG A 197 3.90 15.61 17.58
N LYS A 198 3.52 15.66 18.85
CA LYS A 198 3.20 14.45 19.61
C LYS A 198 1.85 13.91 19.18
N ALA A 199 1.82 12.64 18.78
CA ALA A 199 0.58 11.99 18.35
C ALA A 199 0.64 10.52 18.75
N TYR A 200 -0.47 9.83 18.51
CA TYR A 200 -0.58 8.43 18.90
C TYR A 200 -1.63 7.73 18.04
N CYS A 201 -1.49 6.41 17.94
CA CYS A 201 -2.45 5.56 17.25
C CYS A 201 -2.96 4.50 18.21
N GLU A 202 -4.27 4.27 18.20
CA GLU A 202 -4.89 3.25 19.04
C GLU A 202 -5.27 2.05 18.18
N ILE A 203 -4.81 0.87 18.58
CA ILE A 203 -5.18 -0.39 17.95
C ILE A 203 -5.75 -1.29 19.03
N ASN A 204 -6.93 -1.85 18.78
CA ASN A 204 -7.46 -2.85 19.69
C ASN A 204 -6.57 -4.09 19.65
N GLY A 205 -6.04 -4.47 20.82
CA GLY A 205 -5.06 -5.54 20.87
C GLY A 205 -5.63 -6.91 20.59
N THR A 206 -6.92 -7.11 20.88
CA THR A 206 -7.54 -8.42 20.64
C THR A 206 -7.64 -8.73 19.16
N LYS A 207 -8.17 -7.79 18.37
CA LYS A 207 -8.22 -7.96 16.93
C LYS A 207 -6.83 -8.22 16.36
N TRP A 208 -5.87 -7.34 16.69
CA TRP A 208 -4.56 -7.40 16.05
C TRP A 208 -3.83 -8.70 16.39
N ASN A 209 -3.79 -9.06 17.68
CA ASN A 209 -3.11 -10.28 18.08
C ASN A 209 -3.77 -11.52 17.47
N LYS A 210 -5.08 -11.47 17.24
CA LYS A 210 -5.77 -12.60 16.63
C LYS A 210 -5.32 -12.80 15.19
N VAL A 211 -5.42 -11.75 14.37
CA VAL A 211 -5.04 -11.89 12.96
C VAL A 211 -3.54 -12.05 12.83
N LEU A 212 -2.76 -11.54 13.79
CA LEU A 212 -1.32 -11.78 13.78
C LEU A 212 -1.02 -13.25 14.01
N LYS A 213 -1.86 -13.93 14.77
CA LYS A 213 -1.73 -15.37 14.94
C LYS A 213 -2.07 -16.10 13.64
N GLN A 214 -3.18 -15.73 13.01
CA GLN A 214 -3.56 -16.33 11.73
C GLN A 214 -2.47 -16.11 10.68
N VAL A 215 -1.88 -14.93 10.67
CA VAL A 215 -0.77 -14.66 9.76
C VAL A 215 0.40 -15.61 10.06
N THR A 216 0.74 -15.74 11.34
CA THR A 216 1.85 -16.62 11.73
C THR A 216 1.53 -18.08 11.41
N GLU A 217 0.26 -18.46 11.45
CA GLU A 217 -0.11 -19.82 11.09
C GLU A 217 -0.03 -20.02 9.59
N LYS A 218 -0.51 -19.06 8.81
CA LYS A 218 -0.36 -19.12 7.37
C LYS A 218 1.10 -19.05 6.96
N LEU A 219 1.88 -18.19 7.62
CA LEU A 219 3.31 -18.12 7.35
C LEU A 219 4.00 -19.44 7.67
N LYS A 220 3.49 -20.16 8.68
CA LYS A 220 4.04 -21.47 9.03
C LYS A 220 3.85 -22.46 7.89
N GLU A 221 2.73 -22.37 7.18
CA GLU A 221 2.46 -23.29 6.08
C GLU A 221 3.45 -23.14 4.94
N HIS A 222 4.13 -22.00 4.84
CA HIS A 222 5.03 -21.79 3.71
C HIS A 222 6.50 -21.89 4.12
N PHE A 223 6.79 -22.38 5.32
CA PHE A 223 8.16 -22.51 5.77
C PHE A 223 8.33 -23.79 6.58
N ASN A 224 7.71 -24.87 6.13
CA ASN A 224 7.96 -26.22 6.65
C ASN A 224 7.71 -26.31 8.15
N ASN A 225 6.70 -25.59 8.64
CA ASN A 225 6.38 -25.54 10.08
C ASN A 225 7.59 -25.08 10.90
N LYS A 226 8.30 -24.08 10.39
CA LYS A 226 9.38 -23.47 11.15
C LYS A 226 8.81 -22.49 12.17
N THR A 227 9.52 -22.33 13.28
CA THR A 227 9.13 -21.34 14.27
C THR A 227 9.15 -19.95 13.63
N ILE A 228 8.05 -19.22 13.76
CA ILE A 228 7.88 -17.92 13.13
C ILE A 228 8.05 -16.85 14.20
N ILE A 229 8.97 -15.92 13.96
CA ILE A 229 9.29 -14.85 14.90
C ILE A 229 9.01 -13.51 14.22
N PHE A 230 8.35 -12.61 14.95
CA PHE A 230 8.07 -11.26 14.49
C PHE A 230 8.88 -10.29 15.35
N GLN A 231 9.88 -9.66 14.73
CA GLN A 231 10.76 -8.71 15.36
C GLN A 231 10.66 -7.36 14.64
N PRO A 232 10.97 -6.26 15.33
CA PRO A 232 10.93 -4.94 14.67
C PRO A 232 12.12 -4.77 13.71
N PRO A 233 12.06 -3.78 12.81
CA PRO A 233 13.10 -3.70 11.76
C PRO A 233 14.52 -3.60 12.32
N SER A 234 15.47 -4.07 11.51
CA SER A 234 16.88 -4.08 11.87
C SER A 234 17.54 -2.75 11.51
N GLY A 235 17.08 -1.69 12.18
CA GLY A 235 17.67 -0.40 11.90
C GLY A 235 17.19 0.17 10.57
N GLY A 236 17.90 1.18 10.13
CA GLY A 236 17.53 1.95 8.96
C GLY A 236 17.05 3.34 9.32
N ASP A 237 16.39 3.98 8.36
CA ASP A 237 15.85 5.30 8.58
C ASP A 237 14.43 5.20 9.12
N LEU A 238 13.95 6.33 9.66
CA LEU A 238 12.69 6.31 10.41
C LEU A 238 11.50 5.93 9.54
N GLU A 239 11.58 6.19 8.23
CA GLU A 239 10.48 5.82 7.35
C GLU A 239 10.28 4.31 7.31
N ILE A 240 11.34 3.55 7.55
CA ILE A 240 11.23 2.08 7.56
C ILE A 240 11.02 1.56 8.97
N THR A 241 11.71 2.14 9.96
CA THR A 241 11.63 1.65 11.33
C THR A 241 10.27 1.93 11.97
N MET A 242 9.50 2.88 11.43
CA MET A 242 8.20 3.22 11.96
C MET A 242 7.16 3.17 10.86
N HIS A 243 5.92 2.85 11.24
CA HIS A 243 4.81 2.89 10.30
C HIS A 243 4.56 4.34 9.90
N THR A 244 4.92 4.68 8.67
CA THR A 244 4.79 6.03 8.16
C THR A 244 3.59 6.10 7.22
N PHE A 245 2.89 7.23 7.28
CA PHE A 245 1.72 7.47 6.44
C PHE A 245 1.41 8.96 6.49
N ASN A 246 0.50 9.39 5.62
CA ASN A 246 0.08 10.78 5.56
C ASN A 246 -1.39 10.88 5.95
N CYS A 247 -1.68 11.76 6.90
CA CYS A 247 -3.05 11.98 7.39
C CYS A 247 -3.35 13.47 7.33
N ARG A 248 -4.27 13.85 6.44
CA ARG A 248 -4.70 15.24 6.28
C ARG A 248 -3.51 16.17 6.03
N GLY A 249 -2.54 15.70 5.24
CA GLY A 249 -1.39 16.48 4.89
C GLY A 249 -0.19 16.33 5.81
N GLU A 250 -0.36 15.70 6.96
CA GLU A 250 0.71 15.58 7.95
C GLU A 250 1.34 14.20 7.88
N PHE A 251 2.66 14.15 8.01
CA PHE A 251 3.43 12.91 7.92
C PHE A 251 3.56 12.31 9.31
N PHE A 252 2.89 11.18 9.53
CA PHE A 252 2.87 10.52 10.83
C PHE A 252 3.92 9.41 10.85
N TYR A 253 4.70 9.36 11.93
CA TYR A 253 5.69 8.30 12.15
C TYR A 253 5.34 7.60 13.46
N CYS A 254 4.93 6.33 13.37
CA CYS A 254 4.39 5.62 14.52
C CYS A 254 5.24 4.38 14.83
N ASN A 255 5.63 4.27 16.09
CA ASN A 255 6.46 3.16 16.57
C ASN A 255 5.59 1.92 16.72
N THR A 256 5.86 0.91 15.89
CA THR A 256 5.09 -0.33 15.88
C THR A 256 5.79 -1.46 16.63
N THR A 257 6.66 -1.14 17.57
CA THR A 257 7.33 -2.19 18.34
C THR A 257 6.33 -2.97 19.18
N GLN A 258 5.23 -2.35 19.60
CA GLN A 258 4.24 -3.05 20.40
C GLN A 258 3.37 -4.01 19.58
N LEU A 259 3.68 -4.23 18.31
CA LEU A 259 2.92 -5.12 17.45
C LEU A 259 3.71 -6.35 17.01
N PHE A 260 4.98 -6.18 16.67
CA PHE A 260 5.84 -7.30 16.29
C PHE A 260 6.85 -7.59 17.39
N ASN A 261 6.36 -7.89 18.60
CA ASN A 261 7.20 -7.94 19.80
C ASN A 261 6.37 -8.16 21.04
N ASN A 262 5.17 -7.60 21.08
CA ASN A 262 4.23 -7.86 22.18
C ASN A 262 3.61 -9.24 22.02
N THR A 263 4.33 -10.12 21.33
CA THR A 263 3.99 -11.51 21.05
C THR A 263 3.09 -12.14 22.12
N CYS A 264 1.85 -11.67 22.21
CA CYS A 264 0.82 -12.29 23.04
C CYS A 264 0.23 -13.46 22.24
N ILE A 265 1.08 -14.45 22.01
CA ILE A 265 0.85 -15.48 21.02
C ILE A 265 0.85 -16.87 21.63
N GLY A 272 -2.77 -12.06 30.10
CA GLY A 272 -3.31 -10.79 30.56
C GLY A 272 -2.97 -9.65 29.63
N CYS A 273 -3.27 -9.84 28.34
CA CYS A 273 -2.89 -8.88 27.31
C CYS A 273 -3.95 -8.92 26.22
N ASN A 274 -4.87 -7.95 26.25
CA ASN A 274 -5.86 -7.77 25.19
C ASN A 274 -6.61 -6.46 25.32
N GLY A 275 -5.93 -5.41 25.75
CA GLY A 275 -6.49 -4.08 25.80
C GLY A 275 -6.39 -3.37 24.47
N THR A 276 -6.23 -2.05 24.54
CA THR A 276 -6.08 -1.21 23.35
C THR A 276 -4.63 -0.73 23.30
N ILE A 277 -3.87 -1.26 22.34
CA ILE A 277 -2.48 -0.85 22.17
C ILE A 277 -2.44 0.61 21.74
N THR A 278 -1.59 1.39 22.39
CA THR A 278 -1.40 2.81 22.07
C THR A 278 0.02 2.99 21.57
N LEU A 279 0.16 3.27 20.27
CA LEU A 279 1.50 3.47 19.70
C LEU A 279 1.91 4.93 19.80
N PRO A 280 3.19 5.21 20.04
CA PRO A 280 3.67 6.59 20.03
C PRO A 280 3.97 7.06 18.62
N CYS A 281 3.63 8.33 18.35
CA CYS A 281 3.82 8.88 17.02
C CYS A 281 4.36 10.30 17.08
N LYS A 282 5.10 10.67 16.04
CA LYS A 282 5.62 12.03 15.86
C LYS A 282 5.26 12.51 14.46
N ILE A 283 4.71 13.72 14.37
CA ILE A 283 4.47 14.36 13.08
C ILE A 283 5.77 15.01 12.62
N LYS A 284 6.37 14.47 11.58
CA LYS A 284 7.67 14.92 11.11
C LYS A 284 7.53 15.93 9.98
N GLN A 285 8.46 16.86 9.94
CA GLN A 285 8.56 17.84 8.86
C GLN A 285 9.62 17.46 7.84
N ILE A 286 10.85 17.19 8.29
CA ILE A 286 11.89 16.68 7.41
C ILE A 286 11.55 15.24 7.06
N ILE A 287 11.21 14.99 5.80
CA ILE A 287 10.79 13.68 5.34
C ILE A 287 11.83 13.15 4.37
N ASN A 288 12.05 11.84 4.40
CA ASN A 288 12.87 11.18 3.39
C ASN A 288 11.92 10.66 2.31
N MET A 289 12.02 11.26 1.11
CA MET A 289 11.02 11.03 0.07
C MET A 289 10.96 9.56 -0.35
N TRP A 290 9.76 9.15 -0.76
CA TRP A 290 9.56 7.85 -1.40
C TRP A 290 9.61 7.94 -2.91
N GLN A 291 9.25 9.10 -3.48
CA GLN A 291 9.34 9.29 -4.93
C GLN A 291 10.78 9.19 -5.42
N GLY A 292 11.76 9.28 -4.52
CA GLY A 292 13.15 9.10 -4.88
C GLY A 292 14.07 10.07 -4.16
N THR A 293 15.13 10.49 -4.85
CA THR A 293 16.10 11.50 -4.43
C THR A 293 16.30 11.63 -2.92
N GLY A 294 16.00 12.80 -2.37
CA GLY A 294 16.38 13.10 -0.99
C GLY A 294 15.26 13.48 -0.04
N GLN A 295 15.40 14.63 0.62
CA GLN A 295 14.53 15.01 1.72
C GLN A 295 13.59 16.14 1.32
N ALA A 296 12.53 16.30 2.12
CA ALA A 296 11.56 17.36 1.96
C ALA A 296 11.22 17.93 3.34
N MET A 297 11.17 19.26 3.44
CA MET A 297 10.84 19.94 4.69
C MET A 297 9.48 20.62 4.54
N TYR A 298 8.53 20.22 5.37
CA TYR A 298 7.20 20.82 5.40
C TYR A 298 7.03 21.66 6.65
N ALA A 299 5.91 22.38 6.70
CA ALA A 299 5.60 23.31 7.77
C ALA A 299 5.01 22.58 8.97
N PRO A 300 5.06 23.20 10.15
CA PRO A 300 4.48 22.57 11.35
C PRO A 300 3.02 22.21 11.15
N PRO A 301 2.51 21.25 11.90
CA PRO A 301 1.15 20.75 11.64
C PRO A 301 0.08 21.82 11.83
N ILE A 302 -1.05 21.61 11.14
CA ILE A 302 -2.19 22.49 11.33
C ILE A 302 -2.71 22.36 12.75
N ASP A 303 -3.30 23.44 13.26
CA ASP A 303 -3.96 23.40 14.55
C ASP A 303 -5.19 22.50 14.47
N GLY A 304 -5.79 22.23 15.62
CA GLY A 304 -6.93 21.35 15.71
C GLY A 304 -6.53 19.89 15.86
N LYS A 305 -7.54 19.06 16.07
CA LYS A 305 -7.32 17.63 16.29
C LYS A 305 -7.17 16.95 14.94
N ILE A 306 -6.00 16.39 14.68
CA ILE A 306 -5.69 15.73 13.42
C ILE A 306 -5.95 14.23 13.62
N ASN A 307 -7.06 13.74 13.07
CA ASN A 307 -7.47 12.36 13.29
C ASN A 307 -7.73 11.66 11.96
N CYS A 308 -7.28 10.42 11.87
CA CYS A 308 -7.53 9.56 10.72
C CYS A 308 -7.73 8.14 11.22
N VAL A 309 -8.86 7.54 10.87
CA VAL A 309 -9.15 6.16 11.23
C VAL A 309 -9.13 5.33 9.95
N SER A 310 -8.15 4.42 9.87
CA SER A 310 -7.89 3.66 8.67
C SER A 310 -8.02 2.17 8.94
N ASN A 311 -8.15 1.40 7.86
CA ASN A 311 -8.24 -0.04 7.91
C ASN A 311 -6.87 -0.63 7.60
N ILE A 312 -6.33 -1.43 8.51
CA ILE A 312 -5.14 -2.21 8.21
C ILE A 312 -5.57 -3.42 7.38
N THR A 313 -5.18 -3.44 6.10
CA THR A 313 -5.55 -4.51 5.19
C THR A 313 -4.37 -5.34 4.70
N GLY A 314 -3.14 -4.86 4.88
CA GLY A 314 -1.98 -5.61 4.44
C GLY A 314 -0.78 -5.29 5.30
N ILE A 315 0.25 -6.14 5.19
CA ILE A 315 1.50 -5.99 5.91
C ILE A 315 2.65 -6.19 4.94
N LEU A 316 3.66 -5.33 5.04
CA LEU A 316 4.87 -5.42 4.22
C LEU A 316 5.96 -6.07 5.06
N LEU A 317 6.27 -7.33 4.77
CA LEU A 317 7.17 -8.12 5.60
C LEU A 317 8.48 -8.41 4.87
N THR A 318 9.52 -8.64 5.67
CA THR A 318 10.84 -9.02 5.17
C THR A 318 11.45 -10.01 6.15
N ARG A 319 11.85 -11.18 5.66
CA ARG A 319 12.34 -12.25 6.50
C ARG A 319 13.86 -12.22 6.56
N ASP A 320 14.40 -12.53 7.74
CA ASP A 320 15.85 -12.54 7.94
C ASP A 320 16.52 -13.62 7.10
N GLY A 321 17.77 -13.37 6.74
CA GLY A 321 18.48 -14.24 5.83
C GLY A 321 19.01 -15.52 6.45
N GLY A 322 20.27 -15.50 6.88
CA GLY A 322 20.96 -16.68 7.36
C GLY A 322 20.27 -17.43 8.47
N ALA A 323 19.14 -18.08 8.15
CA ALA A 323 18.45 -18.94 9.11
C ALA A 323 18.25 -20.35 8.56
N ASN A 324 18.90 -20.69 7.46
CA ASN A 324 18.79 -22.04 6.89
C ASN A 324 19.08 -23.09 7.94
N ASN A 325 20.14 -22.89 8.72
CA ASN A 325 20.63 -23.88 9.67
C ASN A 325 20.03 -23.73 11.06
N THR A 326 18.87 -23.08 11.18
CA THR A 326 18.18 -22.96 12.45
C THR A 326 16.76 -23.52 12.31
N SER A 327 15.94 -23.30 13.34
CA SER A 327 14.55 -23.72 13.33
C SER A 327 13.59 -22.55 13.33
N ASN A 328 14.09 -21.33 13.19
CA ASN A 328 13.27 -20.13 13.24
C ASN A 328 13.34 -19.37 11.92
N GLU A 329 12.26 -18.66 11.62
CA GLU A 329 12.21 -17.71 10.50
C GLU A 329 11.67 -16.40 11.06
N THR A 330 12.54 -15.41 11.22
CA THR A 330 12.15 -14.13 11.78
C THR A 330 11.74 -13.17 10.68
N PHE A 331 10.66 -12.44 10.93
CA PHE A 331 10.11 -11.49 9.97
C PHE A 331 10.02 -10.11 10.61
N ARG A 332 10.27 -9.08 9.81
CA ARG A 332 10.21 -7.70 10.27
C ARG A 332 9.43 -6.86 9.26
N PRO A 333 8.68 -5.86 9.74
CA PRO A 333 7.91 -5.02 8.83
C PRO A 333 8.81 -4.25 7.88
N GLY A 334 8.48 -4.30 6.59
CA GLY A 334 9.24 -3.65 5.56
C GLY A 334 8.53 -2.42 5.01
N GLY A 335 8.96 -2.02 3.81
CA GLY A 335 8.38 -0.86 3.16
C GLY A 335 9.42 0.06 2.56
N GLY A 336 8.96 1.05 1.80
CA GLY A 336 9.87 1.97 1.16
C GLY A 336 9.58 2.10 -0.32
N ASP A 337 9.29 0.98 -0.97
CA ASP A 337 8.95 0.94 -2.39
C ASP A 337 7.44 0.95 -2.51
N MET A 338 6.89 2.13 -2.80
CA MET A 338 5.45 2.26 -2.99
C MET A 338 4.93 1.43 -4.14
N ARG A 339 5.81 0.91 -5.00
CA ARG A 339 5.39 0.01 -6.07
C ARG A 339 4.76 -1.26 -5.49
N ASP A 340 5.31 -1.76 -4.38
CA ASP A 340 4.69 -2.89 -3.70
C ASP A 340 3.31 -2.54 -3.16
N ASN A 341 3.12 -1.27 -2.77
CA ASN A 341 1.81 -0.84 -2.29
C ASN A 341 0.77 -0.90 -3.41
N TRP A 342 1.14 -0.44 -4.61
CA TRP A 342 0.22 -0.56 -5.74
C TRP A 342 0.07 -2.02 -6.16
N ARG A 343 1.16 -2.79 -6.07
CA ARG A 343 1.11 -4.22 -6.38
C ARG A 343 0.07 -4.93 -5.54
N SER A 344 -0.19 -4.43 -4.32
CA SER A 344 -1.13 -5.08 -3.41
C SER A 344 -2.57 -5.03 -3.91
N GLU A 345 -2.88 -4.12 -4.82
CA GLU A 345 -4.23 -3.99 -5.35
C GLU A 345 -4.33 -4.30 -6.85
N LEU A 346 -3.25 -4.07 -7.60
CA LEU A 346 -3.21 -4.34 -9.03
C LEU A 346 -2.80 -5.77 -9.35
N TYR A 347 -2.60 -6.61 -8.34
CA TYR A 347 -2.09 -7.96 -8.57
C TYR A 347 -3.02 -8.76 -9.46
N LYS A 348 -4.32 -8.61 -9.31
CA LYS A 348 -5.28 -9.39 -10.08
C LYS A 348 -5.46 -8.88 -11.50
N TYR A 349 -4.85 -7.75 -11.86
CA TYR A 349 -5.01 -7.16 -13.17
C TYR A 349 -3.78 -7.39 -14.02
N LYS A 350 -3.96 -7.24 -15.33
CA LYS A 350 -2.94 -7.56 -16.32
C LYS A 350 -3.35 -7.10 -17.71
N VAL A 351 -2.51 -6.32 -18.36
CA VAL A 351 -2.83 -5.71 -19.65
C VAL A 351 -2.45 -6.68 -20.76
N VAL A 352 -3.40 -6.95 -21.66
CA VAL A 352 -3.16 -7.78 -22.82
C VAL A 352 -3.67 -7.04 -24.05
N GLN A 353 -2.95 -7.18 -25.17
CA GLN A 353 -3.34 -6.58 -26.43
C GLN A 353 -4.05 -7.64 -27.26
N ILE A 354 -5.17 -7.27 -27.87
CA ILE A 354 -5.90 -8.20 -28.74
C ILE A 354 -5.19 -8.25 -30.08
N GLU A 355 -4.89 -9.46 -30.53
CA GLU A 355 -4.14 -9.65 -31.76
C GLU A 355 -5.04 -9.51 -32.99
#